data_6XV4
#
_entry.id   6XV4
#
_cell.length_a   81.862
_cell.length_b   81.862
_cell.length_c   74.969
_cell.angle_alpha   90.000
_cell.angle_beta   90.000
_cell.angle_gamma   90.000
#
_symmetry.space_group_name_H-M   'P 42 21 2'
#
loop_
_entity.id
_entity.type
_entity.pdbx_description
1 polymer 'Ascorbate peroxidase'
2 non-polymer 'PROTOPORPHYRIN IX CONTAINING FE'
3 non-polymer 'POTASSIUM ION'
4 non-polymer 'SULFATE ION'
5 non-polymer 'ASCORBIC ACID'
6 water water
#
_entity_poly.entity_id   1
_entity_poly.type   'polypeptide(L)'
_entity_poly.pdbx_seq_one_letter_code
;MRGSHHHHHHGSGKSYPTVSADYQKAVEKAKKKLRGFIAEKRCAPLMLRLAWHSAGTFDKGTKTGGPFGTIKHPAELAHS
ANNGLDIAVRLLEPLKAEFPILSYADFYQLAGVVAVEVTGGPEVPFHPGREDKPEPPPEGRLPDATKGSDHLRDVFGKAM
GLTDQDIVALSGGHTIGAAHKERSGFEGPWTSNPLIFDNSYFTELLSGEKEGLLQLPSDKALLSDPVFRPLVDKYAADED
AFFADYAEAHQKLSELGFADA
;
_entity_poly.pdbx_strand_id   A
#
loop_
_chem_comp.id
_chem_comp.type
_chem_comp.name
_chem_comp.formula
ASC L-saccharide 'ASCORBIC ACID' 'C6 H8 O6'
HEM non-polymer 'PROTOPORPHYRIN IX CONTAINING FE' 'C34 H32 Fe N4 O4'
K non-polymer 'POTASSIUM ION' 'K 1'
SO4 non-polymer 'SULFATE ION' 'O4 S -2'
#
# COMPACT_ATOMS: atom_id res chain seq x y z
N GLY A 13 -17.78 -2.45 -6.77
CA GLY A 13 -18.90 -3.37 -6.95
C GLY A 13 -18.60 -4.76 -6.39
N LYS A 14 -18.66 -4.89 -5.06
CA LYS A 14 -18.09 -6.06 -4.40
C LYS A 14 -19.13 -6.94 -3.73
N SER A 15 -18.82 -8.22 -3.75
CA SER A 15 -19.62 -9.30 -3.18
C SER A 15 -18.66 -10.15 -2.37
N TYR A 16 -18.59 -9.94 -1.08
CA TYR A 16 -17.51 -10.58 -0.33
C TYR A 16 -17.85 -12.02 0.04
N PRO A 17 -16.86 -12.91 -0.01
CA PRO A 17 -17.11 -14.33 0.19
C PRO A 17 -17.36 -14.62 1.67
N THR A 18 -18.00 -15.74 1.88
CA THR A 18 -18.26 -16.17 3.24
C THR A 18 -17.04 -16.92 3.74
N VAL A 19 -16.63 -16.64 4.99
CA VAL A 19 -15.60 -17.38 5.67
C VAL A 19 -16.19 -17.85 6.98
N SER A 20 -15.62 -18.93 7.50
CA SER A 20 -16.11 -19.51 8.74
C SER A 20 -15.86 -18.57 9.92
N ALA A 21 -16.58 -18.86 10.99
CA ALA A 21 -16.38 -18.14 12.23
C ALA A 21 -14.96 -18.26 12.75
N ASP A 22 -14.35 -19.44 12.64
CA ASP A 22 -12.96 -19.58 13.07
C ASP A 22 -12.04 -18.68 12.26
N TYR A 23 -12.28 -18.55 10.96
CA TYR A 23 -11.49 -17.65 10.13
C TYR A 23 -11.64 -16.22 10.62
N GLN A 24 -12.87 -15.81 10.93
N GLN A 24 -12.87 -15.81 10.94
CA GLN A 24 -13.12 -14.44 11.37
CA GLN A 24 -13.08 -14.43 11.37
C GLN A 24 -12.44 -14.17 12.70
C GLN A 24 -12.44 -14.17 12.71
N LYS A 25 -12.45 -15.16 13.60
CA LYS A 25 -11.76 -15.02 14.87
C LYS A 25 -10.27 -14.87 14.66
N ALA A 26 -9.73 -15.59 13.67
CA ALA A 26 -8.31 -15.49 13.40
C ALA A 26 -7.95 -14.14 12.82
N VAL A 27 -8.79 -13.55 11.98
CA VAL A 27 -8.57 -12.20 11.50
C VAL A 27 -8.46 -11.25 12.69
N GLU A 28 -9.41 -11.33 13.60
CA GLU A 28 -9.44 -10.37 14.67
C GLU A 28 -8.22 -10.50 15.57
N LYS A 29 -7.78 -11.73 15.83
CA LYS A 29 -6.64 -11.92 16.69
CA LYS A 29 -6.62 -11.96 16.69
C LYS A 29 -5.33 -11.58 15.98
N ALA A 30 -5.25 -11.83 14.67
CA ALA A 30 -4.06 -11.43 13.93
C ALA A 30 -3.97 -9.92 13.81
N LYS A 31 -5.10 -9.26 13.66
CA LYS A 31 -5.09 -7.80 13.62
C LYS A 31 -4.43 -7.23 14.85
N LYS A 32 -4.81 -7.73 16.03
CA LYS A 32 -4.19 -7.25 17.25
C LYS A 32 -2.73 -7.58 17.31
N LYS A 33 -2.35 -8.80 16.94
N LYS A 33 -2.35 -8.80 16.94
CA LYS A 33 -0.94 -9.15 17.04
CA LYS A 33 -0.96 -9.16 17.03
C LYS A 33 -0.13 -8.35 16.05
C LYS A 33 -0.13 -8.35 16.05
N LEU A 34 -0.71 -8.02 14.89
CA LEU A 34 -0.03 -7.21 13.90
C LEU A 34 0.20 -5.80 14.41
N ARG A 35 -0.78 -5.26 15.16
CA ARG A 35 -0.61 -3.92 15.71
C ARG A 35 0.61 -3.90 16.60
N GLY A 36 0.67 -4.84 17.55
CA GLY A 36 1.78 -4.83 18.49
C GLY A 36 3.10 -5.06 17.80
N PHE A 37 3.14 -6.01 16.86
CA PHE A 37 4.39 -6.36 16.19
C PHE A 37 4.88 -5.20 15.30
N ILE A 38 3.99 -4.65 14.50
CA ILE A 38 4.37 -3.56 13.60
C ILE A 38 4.78 -2.33 14.39
N ALA A 39 4.05 -1.99 15.45
CA ALA A 39 4.43 -0.84 16.25
C ALA A 39 5.80 -1.04 16.88
N GLU A 40 6.05 -2.23 17.43
CA GLU A 40 7.33 -2.47 18.11
C GLU A 40 8.48 -2.49 17.14
N LYS A 41 8.30 -3.15 15.99
CA LYS A 41 9.39 -3.26 15.02
C LYS A 41 9.61 -2.00 14.20
N ARG A 42 8.73 -0.99 14.28
CA ARG A 42 8.86 0.27 13.55
C ARG A 42 8.84 0.07 12.02
N CYS A 43 8.17 -0.98 11.55
CA CYS A 43 8.19 -1.35 10.13
C CYS A 43 6.85 -1.11 9.42
N ALA A 44 6.00 -0.25 9.95
CA ALA A 44 4.75 0.04 9.26
C ALA A 44 4.94 0.49 7.81
N PRO A 45 5.91 1.35 7.47
CA PRO A 45 6.02 1.76 6.06
C PRO A 45 6.34 0.59 5.15
N LEU A 46 7.30 -0.22 5.56
CA LEU A 46 7.65 -1.41 4.79
C LEU A 46 6.44 -2.31 4.61
N MET A 47 5.59 -2.43 5.64
CA MET A 47 4.44 -3.32 5.57
C MET A 47 3.39 -2.75 4.64
N LEU A 48 3.25 -1.42 4.63
CA LEU A 48 2.32 -0.79 3.71
C LEU A 48 2.80 -0.99 2.26
N ARG A 49 4.11 -0.83 2.04
CA ARG A 49 4.71 -0.94 0.79
C ARG A 49 4.53 -2.50 0.26
N LEU A 50 4.73 -3.45 1.19
CA LEU A 50 4.48 -4.87 0.89
C LEU A 50 3.01 -5.11 0.43
N ALA A 51 2.06 -4.51 1.12
CA ALA A 51 0.68 -4.76 0.76
C ALA A 51 0.34 -4.13 -0.59
N TRP A 52 0.81 -2.91 -0.78
CA TRP A 52 0.62 -2.16 -2.02
C TRP A 52 1.29 -2.85 -3.22
N HIS A 53 2.54 -3.31 -3.06
CA HIS A 53 3.23 -4.00 -4.15
C HIS A 53 2.61 -5.37 -4.41
N SER A 54 1.95 -5.95 -3.41
N SER A 54 1.92 -5.94 -3.44
CA SER A 54 1.16 -7.16 -3.60
CA SER A 54 1.18 -7.17 -3.69
C SER A 54 -0.01 -6.88 -4.53
C SER A 54 -0.04 -6.89 -4.55
N ALA A 55 -0.82 -5.89 -4.16
CA ALA A 55 -2.05 -5.57 -4.86
C ALA A 55 -1.82 -4.86 -6.19
N GLY A 56 -0.73 -4.09 -6.31
CA GLY A 56 -0.54 -3.15 -7.40
C GLY A 56 -0.15 -3.75 -8.73
N THR A 57 0.03 -5.06 -8.75
CA THR A 57 0.29 -5.85 -9.96
C THR A 57 -0.99 -6.24 -10.68
N PHE A 58 -2.15 -5.75 -10.24
CA PHE A 58 -3.39 -6.18 -10.84
C PHE A 58 -3.56 -5.56 -12.22
N ASP A 59 -4.01 -6.39 -13.15
CA ASP A 59 -4.41 -5.95 -14.48
C ASP A 59 -5.87 -6.30 -14.71
N LYS A 60 -6.68 -5.29 -14.90
CA LYS A 60 -8.12 -5.52 -14.93
C LYS A 60 -8.57 -6.15 -16.25
N GLY A 61 -7.82 -5.93 -17.33
CA GLY A 61 -8.16 -6.53 -18.60
C GLY A 61 -8.01 -8.04 -18.61
N THR A 62 -6.96 -8.55 -17.97
CA THR A 62 -6.70 -9.99 -17.89
C THR A 62 -7.11 -10.63 -16.55
N LYS A 63 -7.41 -9.81 -15.54
CA LYS A 63 -7.69 -10.28 -14.17
C LYS A 63 -6.54 -11.07 -13.58
N THR A 64 -5.33 -10.78 -14.04
CA THR A 64 -4.12 -11.35 -13.47
C THR A 64 -3.52 -10.43 -12.42
N GLY A 65 -2.78 -11.03 -11.50
CA GLY A 65 -2.05 -10.27 -10.52
C GLY A 65 -2.98 -9.88 -9.40
N GLY A 66 -2.52 -8.92 -8.60
CA GLY A 66 -3.33 -8.41 -7.53
C GLY A 66 -2.98 -9.06 -6.21
N PRO A 67 -3.76 -8.75 -5.16
CA PRO A 67 -3.40 -9.11 -3.76
C PRO A 67 -3.76 -10.54 -3.39
N PHE A 68 -3.01 -11.51 -3.92
CA PHE A 68 -3.33 -12.92 -3.77
C PHE A 68 -2.13 -13.71 -3.30
N GLY A 69 -1.32 -13.05 -2.47
CA GLY A 69 -0.26 -13.71 -1.71
C GLY A 69 1.00 -14.04 -2.49
N THR A 70 1.08 -13.68 -3.76
CA THR A 70 2.21 -14.16 -4.58
C THR A 70 3.52 -13.46 -4.26
N ILE A 71 3.48 -12.33 -3.54
CA ILE A 71 4.71 -11.58 -3.30
C ILE A 71 5.68 -12.32 -2.38
N LYS A 72 5.24 -13.37 -1.70
CA LYS A 72 6.18 -14.10 -0.86
C LYS A 72 7.02 -15.08 -1.66
N HIS A 73 6.62 -15.36 -2.90
CA HIS A 73 7.41 -16.19 -3.80
C HIS A 73 8.76 -15.52 -4.06
N PRO A 74 9.88 -16.25 -3.97
CA PRO A 74 11.17 -15.66 -4.35
C PRO A 74 11.20 -15.04 -5.75
N ALA A 75 10.42 -15.58 -6.70
CA ALA A 75 10.39 -15.03 -8.06
C ALA A 75 9.86 -13.61 -8.08
N GLU A 76 8.86 -13.32 -7.26
CA GLU A 76 8.29 -11.98 -7.24
C GLU A 76 9.10 -11.05 -6.34
N LEU A 77 9.69 -11.58 -5.27
CA LEU A 77 10.55 -10.77 -4.43
C LEU A 77 11.80 -10.33 -5.17
N ALA A 78 12.25 -11.14 -6.13
CA ALA A 78 13.43 -10.78 -6.90
C ALA A 78 13.20 -9.57 -7.79
N HIS A 79 11.95 -9.32 -8.21
CA HIS A 79 11.67 -8.16 -9.04
C HIS A 79 12.35 -6.95 -8.40
N SER A 80 12.99 -6.12 -9.22
CA SER A 80 13.78 -5.00 -8.68
C SER A 80 12.88 -4.00 -7.96
N ALA A 81 11.64 -3.83 -8.42
CA ALA A 81 10.70 -2.95 -7.75
C ALA A 81 10.40 -3.42 -6.33
N ASN A 82 10.65 -4.69 -6.04
CA ASN A 82 10.40 -5.27 -4.72
C ASN A 82 11.67 -5.44 -3.93
N ASN A 83 12.73 -4.69 -4.26
CA ASN A 83 13.95 -4.77 -3.47
C ASN A 83 13.59 -4.37 -2.06
N GLY A 84 14.04 -5.17 -1.10
CA GLY A 84 13.79 -4.91 0.30
C GLY A 84 12.55 -5.57 0.86
N LEU A 85 11.59 -5.95 0.03
CA LEU A 85 10.35 -6.54 0.53
C LEU A 85 10.53 -7.96 1.03
N ASP A 86 11.65 -8.60 0.74
CA ASP A 86 11.96 -9.89 1.36
C ASP A 86 12.15 -9.74 2.87
N ILE A 87 12.63 -8.58 3.34
CA ILE A 87 12.71 -8.27 4.76
C ILE A 87 11.33 -8.32 5.39
N ALA A 88 10.35 -7.80 4.69
CA ALA A 88 8.99 -7.74 5.20
C ALA A 88 8.39 -9.13 5.31
N VAL A 89 8.56 -9.91 4.25
CA VAL A 89 8.03 -11.26 4.24
C VAL A 89 8.63 -12.05 5.38
N ARG A 90 9.93 -11.91 5.57
CA ARG A 90 10.62 -12.65 6.63
C ARG A 90 10.14 -12.18 8.00
N LEU A 91 10.01 -10.87 8.20
CA LEU A 91 9.51 -10.33 9.45
C LEU A 91 8.14 -10.89 9.81
N LEU A 92 7.31 -11.16 8.84
CA LEU A 92 5.96 -11.58 9.13
C LEU A 92 5.79 -13.09 9.21
N GLU A 93 6.78 -13.87 8.82
CA GLU A 93 6.60 -15.30 8.75
C GLU A 93 6.32 -15.93 10.11
N PRO A 94 6.96 -15.51 11.19
CA PRO A 94 6.65 -16.13 12.49
C PRO A 94 5.22 -15.86 12.93
N LEU A 95 4.72 -14.64 12.74
CA LEU A 95 3.33 -14.35 13.08
C LEU A 95 2.33 -15.09 12.18
N LYS A 96 2.62 -15.16 10.88
CA LYS A 96 1.71 -15.85 9.97
C LYS A 96 1.53 -17.29 10.40
N ALA A 97 2.62 -17.91 10.84
CA ALA A 97 2.59 -19.31 11.27
C ALA A 97 1.71 -19.52 12.50
N GLU A 98 1.44 -18.47 13.29
CA GLU A 98 0.48 -18.56 14.38
C GLU A 98 -0.96 -18.48 13.88
N PHE A 99 -1.17 -18.22 12.60
CA PHE A 99 -2.52 -18.05 12.04
C PHE A 99 -2.62 -18.85 10.75
N PRO A 100 -2.44 -20.16 10.87
CA PRO A 100 -2.36 -21.00 9.67
C PRO A 100 -3.60 -20.98 8.84
N ILE A 101 -4.76 -20.75 9.45
CA ILE A 101 -6.01 -20.71 8.73
C ILE A 101 -6.10 -19.55 7.74
N LEU A 102 -5.36 -18.47 7.98
CA LEU A 102 -5.45 -17.31 7.11
C LEU A 102 -4.65 -17.50 5.85
N SER A 103 -5.19 -17.02 4.74
CA SER A 103 -4.40 -16.94 3.53
C SER A 103 -3.32 -15.91 3.71
N TYR A 104 -2.18 -16.12 3.02
CA TYR A 104 -1.17 -15.08 2.91
C TYR A 104 -1.76 -13.81 2.32
N ALA A 105 -2.63 -13.93 1.32
CA ALA A 105 -3.21 -12.73 0.70
C ALA A 105 -3.95 -11.86 1.74
N ASP A 106 -4.82 -12.49 2.53
CA ASP A 106 -5.52 -11.75 3.59
C ASP A 106 -4.56 -11.21 4.61
N PHE A 107 -3.51 -11.97 4.94
CA PHE A 107 -2.61 -11.59 6.03
C PHE A 107 -1.81 -10.35 5.66
N TYR A 108 -1.26 -10.34 4.44
CA TYR A 108 -0.47 -9.19 3.98
C TYR A 108 -1.34 -7.95 3.84
N GLN A 109 -2.56 -8.09 3.34
CA GLN A 109 -3.41 -6.91 3.25
C GLN A 109 -3.86 -6.44 4.63
N LEU A 110 -4.09 -7.36 5.54
CA LEU A 110 -4.42 -6.96 6.91
C LEU A 110 -3.25 -6.20 7.53
N ALA A 111 -2.02 -6.61 7.22
CA ALA A 111 -0.84 -5.93 7.72
C ALA A 111 -0.78 -4.50 7.18
N GLY A 112 -1.12 -4.32 5.90
CA GLY A 112 -1.17 -2.99 5.33
C GLY A 112 -2.21 -2.10 6.00
N VAL A 113 -3.39 -2.65 6.23
CA VAL A 113 -4.42 -1.92 6.98
C VAL A 113 -3.93 -1.55 8.38
N VAL A 114 -3.25 -2.47 9.05
CA VAL A 114 -2.77 -2.17 10.40
C VAL A 114 -1.64 -1.17 10.35
N ALA A 115 -0.77 -1.26 9.35
CA ALA A 115 0.31 -0.30 9.22
C ALA A 115 -0.22 1.12 9.23
N VAL A 116 -1.31 1.36 8.49
CA VAL A 116 -1.92 2.67 8.43
C VAL A 116 -2.53 3.03 9.78
N GLU A 117 -3.22 2.08 10.40
CA GLU A 117 -3.90 2.40 11.64
C GLU A 117 -2.89 2.74 12.72
N VAL A 118 -1.83 1.94 12.87
CA VAL A 118 -0.95 2.10 14.04
C VAL A 118 -0.04 3.31 13.90
N THR A 119 0.10 3.89 12.70
CA THR A 119 0.80 5.16 12.56
C THR A 119 -0.15 6.35 12.64
N GLY A 120 -1.40 6.14 12.97
CA GLY A 120 -2.31 7.25 13.19
C GLY A 120 -3.24 7.57 12.04
N GLY A 121 -3.30 6.71 11.03
CA GLY A 121 -4.07 6.98 9.84
C GLY A 121 -5.51 6.49 9.96
N PRO A 122 -6.22 6.57 8.85
CA PRO A 122 -7.63 6.18 8.88
C PRO A 122 -7.78 4.67 9.04
N GLU A 123 -8.96 4.26 9.50
N GLU A 123 -8.99 4.30 9.48
CA GLU A 123 -9.27 2.84 9.69
CA GLU A 123 -9.40 2.91 9.61
C GLU A 123 -9.86 2.32 8.38
C GLU A 123 -9.87 2.43 8.25
N VAL A 124 -9.03 1.67 7.57
CA VAL A 124 -9.39 1.14 6.26
C VAL A 124 -10.23 -0.12 6.47
N PRO A 125 -11.45 -0.16 5.97
CA PRO A 125 -12.27 -1.37 6.13
C PRO A 125 -11.59 -2.59 5.53
N PHE A 126 -11.69 -3.72 6.24
CA PHE A 126 -11.07 -4.97 5.79
C PHE A 126 -12.11 -6.08 5.70
N HIS A 127 -12.09 -6.82 4.59
CA HIS A 127 -12.94 -7.97 4.35
C HIS A 127 -12.10 -9.20 4.06
N PRO A 128 -12.30 -10.28 4.76
CA PRO A 128 -11.50 -11.48 4.49
C PRO A 128 -12.04 -12.25 3.30
N GLY A 129 -11.16 -13.12 2.82
CA GLY A 129 -11.50 -14.18 1.90
C GLY A 129 -10.72 -14.30 0.61
N ARG A 130 -9.61 -13.57 0.50
CA ARG A 130 -8.70 -13.72 -0.63
C ARG A 130 -8.10 -15.12 -0.58
N GLU A 131 -8.00 -15.76 -1.72
CA GLU A 131 -7.33 -17.05 -1.84
C GLU A 131 -5.95 -16.87 -2.43
N ASP A 132 -4.98 -17.59 -1.86
CA ASP A 132 -3.63 -17.59 -2.38
C ASP A 132 -3.60 -18.28 -3.72
N LYS A 133 -3.02 -17.61 -4.68
CA LYS A 133 -2.89 -18.09 -6.06
C LYS A 133 -1.44 -18.46 -6.33
N PRO A 134 -1.21 -19.38 -7.28
CA PRO A 134 0.14 -19.98 -7.38
C PRO A 134 1.12 -19.27 -8.32
N GLU A 135 0.65 -18.44 -9.26
CA GLU A 135 1.58 -17.79 -10.20
C GLU A 135 1.73 -16.30 -9.89
N PRO A 136 2.96 -15.82 -9.68
CA PRO A 136 3.16 -14.37 -9.63
C PRO A 136 2.85 -13.74 -10.97
N PRO A 137 2.44 -12.48 -10.99
CA PRO A 137 2.20 -11.80 -12.25
C PRO A 137 3.52 -11.49 -12.92
N PRO A 138 3.51 -11.11 -14.20
CA PRO A 138 4.75 -10.67 -14.84
C PRO A 138 5.34 -9.46 -14.14
N GLU A 139 6.67 -9.38 -14.19
CA GLU A 139 7.39 -8.20 -13.72
C GLU A 139 7.10 -7.01 -14.62
N GLY A 140 7.21 -5.82 -14.03
CA GLY A 140 7.15 -4.55 -14.73
C GLY A 140 5.87 -3.76 -14.58
N ARG A 141 4.92 -4.18 -13.74
CA ARG A 141 3.62 -3.50 -13.67
C ARG A 141 3.58 -2.40 -12.63
N LEU A 142 4.49 -2.43 -11.68
CA LEU A 142 4.55 -1.43 -10.65
C LEU A 142 5.10 -0.13 -11.23
N PRO A 143 4.76 1.00 -10.64
CA PRO A 143 5.10 2.28 -11.27
C PRO A 143 6.59 2.55 -11.19
N ASP A 144 7.03 3.42 -12.11
CA ASP A 144 8.42 3.86 -12.24
C ASP A 144 8.53 5.28 -11.68
N ALA A 145 9.37 5.44 -10.65
CA ALA A 145 9.50 6.72 -9.94
C ALA A 145 10.03 7.88 -10.81
N THR A 146 10.70 7.58 -11.93
CA THR A 146 11.24 8.63 -12.78
C THR A 146 10.24 9.18 -13.79
N LYS A 147 9.04 8.61 -13.83
CA LYS A 147 8.06 8.92 -14.86
C LYS A 147 7.00 9.83 -14.26
N GLY A 148 6.04 10.22 -15.10
CA GLY A 148 5.08 11.22 -14.73
C GLY A 148 3.62 10.79 -14.86
N SER A 149 2.75 11.78 -15.04
CA SER A 149 1.30 11.59 -14.92
C SER A 149 0.78 10.54 -15.90
N ASP A 150 1.19 10.62 -17.17
CA ASP A 150 0.77 9.61 -18.14
C ASP A 150 1.08 8.20 -17.65
N HIS A 151 2.28 8.02 -17.12
CA HIS A 151 2.68 6.70 -16.60
C HIS A 151 1.85 6.30 -15.38
N LEU A 152 1.61 7.22 -14.47
CA LEU A 152 0.71 6.98 -13.34
C LEU A 152 -0.64 6.52 -13.83
N ARG A 153 -1.20 7.19 -14.84
CA ARG A 153 -2.52 6.80 -15.29
C ARG A 153 -2.49 5.45 -15.99
N ASP A 154 -1.39 5.15 -16.69
CA ASP A 154 -1.28 3.83 -17.33
C ASP A 154 -1.35 2.71 -16.30
N VAL A 155 -0.66 2.89 -15.18
CA VAL A 155 -0.50 1.85 -14.18
C VAL A 155 -1.75 1.71 -13.29
N PHE A 156 -2.04 2.75 -12.53
CA PHE A 156 -3.21 2.78 -11.64
C PHE A 156 -4.52 2.72 -12.40
N GLY A 157 -4.61 3.42 -13.53
CA GLY A 157 -5.84 3.54 -14.30
C GLY A 157 -6.09 2.42 -15.28
N LYS A 158 -5.25 2.34 -16.31
CA LYS A 158 -5.47 1.35 -17.37
C LYS A 158 -5.27 -0.08 -16.86
N ALA A 159 -4.29 -0.33 -15.98
CA ALA A 159 -4.08 -1.69 -15.45
C ALA A 159 -4.98 -1.91 -14.24
N MET A 160 -4.67 -1.24 -13.13
CA MET A 160 -5.40 -1.54 -11.89
C MET A 160 -6.89 -1.13 -11.91
N GLY A 161 -7.25 -0.07 -12.64
CA GLY A 161 -8.62 0.41 -12.69
C GLY A 161 -9.04 1.36 -11.57
N LEU A 162 -8.10 2.07 -10.95
CA LEU A 162 -8.36 3.09 -9.95
C LEU A 162 -8.54 4.45 -10.60
N THR A 163 -9.07 5.41 -9.84
CA THR A 163 -9.38 6.73 -10.37
C THR A 163 -8.21 7.67 -10.16
N ASP A 164 -8.27 8.83 -10.83
CA ASP A 164 -7.27 9.87 -10.59
C ASP A 164 -7.29 10.33 -9.14
N GLN A 165 -8.45 10.36 -8.51
CA GLN A 165 -8.47 10.68 -7.09
C GLN A 165 -7.72 9.64 -6.26
N ASP A 166 -7.91 8.35 -6.58
CA ASP A 166 -7.16 7.28 -5.89
C ASP A 166 -5.66 7.46 -6.04
N ILE A 167 -5.20 7.78 -7.26
CA ILE A 167 -3.76 7.97 -7.51
C ILE A 167 -3.17 8.96 -6.53
N VAL A 168 -3.80 10.12 -6.39
CA VAL A 168 -3.24 11.16 -5.54
C VAL A 168 -3.31 10.72 -4.10
N ALA A 169 -4.46 10.18 -3.69
CA ALA A 169 -4.63 9.80 -2.31
C ALA A 169 -3.63 8.71 -1.95
N LEU A 170 -3.48 7.72 -2.84
CA LEU A 170 -2.60 6.60 -2.53
C LEU A 170 -1.16 7.02 -2.53
N SER A 171 -0.82 8.07 -3.29
CA SER A 171 0.55 8.57 -3.28
C SER A 171 0.91 9.14 -1.91
N GLY A 172 -0.09 9.66 -1.17
CA GLY A 172 0.15 10.12 0.19
C GLY A 172 0.52 9.04 1.17
N GLY A 173 0.52 7.78 0.75
CA GLY A 173 1.12 6.69 1.49
C GLY A 173 2.57 6.95 1.78
N HIS A 174 3.23 7.76 0.94
CA HIS A 174 4.59 8.19 1.18
C HIS A 174 4.73 9.12 2.37
N THR A 175 3.63 9.49 3.01
CA THR A 175 3.72 10.24 4.25
C THR A 175 4.36 9.41 5.35
N ILE A 176 4.47 8.09 5.19
CA ILE A 176 5.27 7.28 6.11
C ILE A 176 6.36 6.61 5.30
N GLY A 177 7.51 6.51 5.93
CA GLY A 177 8.61 5.77 5.43
C GLY A 177 9.62 6.61 4.69
N ALA A 178 10.48 5.90 3.95
CA ALA A 178 11.66 6.47 3.32
C ALA A 178 12.09 5.55 2.17
N ALA A 179 12.81 6.13 1.22
CA ALA A 179 13.55 5.36 0.24
C ALA A 179 14.91 4.99 0.81
N HIS A 180 15.52 3.96 0.20
CA HIS A 180 16.82 3.43 0.58
C HIS A 180 17.68 3.25 -0.66
N LYS A 181 18.85 3.88 -0.68
CA LYS A 181 19.72 3.83 -1.87
C LYS A 181 20.11 2.40 -2.22
N GLU A 182 20.12 1.47 -1.25
CA GLU A 182 20.38 0.06 -1.57
C GLU A 182 19.13 -0.70 -2.05
N ARG A 183 17.96 -0.08 -1.98
CA ARG A 183 16.78 -0.73 -2.54
C ARG A 183 16.39 -0.05 -3.86
N SER A 184 15.68 1.06 -3.82
CA SER A 184 15.37 1.71 -5.11
C SER A 184 16.57 2.46 -5.68
N GLY A 185 17.36 3.11 -4.80
CA GLY A 185 18.40 4.04 -5.17
C GLY A 185 18.12 5.44 -4.70
N PHE A 186 16.84 5.82 -4.61
CA PHE A 186 16.46 7.01 -3.91
C PHE A 186 16.70 6.80 -2.42
N GLU A 187 16.78 7.92 -1.68
CA GLU A 187 17.18 7.89 -0.29
C GLU A 187 16.48 8.95 0.55
N GLY A 188 15.98 8.54 1.69
CA GLY A 188 15.42 9.50 2.62
C GLY A 188 13.90 9.46 2.78
N PRO A 189 13.42 10.12 3.84
CA PRO A 189 11.98 10.25 4.08
C PRO A 189 11.33 11.36 3.24
N TRP A 190 10.04 11.19 2.96
CA TRP A 190 9.25 12.27 2.37
C TRP A 190 8.88 13.33 3.37
N THR A 191 8.86 12.96 4.64
CA THR A 191 8.35 13.82 5.69
C THR A 191 9.29 13.83 6.87
N SER A 192 9.10 14.87 7.67
CA SER A 192 9.81 15.05 8.92
C SER A 192 9.32 14.10 10.00
N ASN A 193 8.19 13.43 9.80
CA ASN A 193 7.70 12.44 10.77
C ASN A 193 7.31 11.15 10.05
N PRO A 194 8.30 10.35 9.63
CA PRO A 194 8.00 9.20 8.75
C PRO A 194 7.31 8.02 9.40
N LEU A 195 7.01 8.01 10.70
CA LEU A 195 6.15 6.98 11.27
C LEU A 195 4.81 7.53 11.69
N ILE A 196 4.47 8.72 11.21
CA ILE A 196 3.21 9.35 11.52
C ILE A 196 2.43 9.50 10.23
N PHE A 197 1.23 8.94 10.20
CA PHE A 197 0.38 9.02 9.02
C PHE A 197 -0.40 10.31 9.09
N ASP A 198 -0.07 11.29 8.25
CA ASP A 198 -0.78 12.54 8.21
C ASP A 198 -0.67 13.09 6.79
N ASN A 199 -1.16 14.31 6.57
CA ASN A 199 -1.14 14.91 5.24
C ASN A 199 0.18 15.58 4.92
N SER A 200 1.24 15.30 5.69
CA SER A 200 2.49 16.05 5.54
C SER A 200 3.13 15.84 4.18
N TYR A 201 2.88 14.70 3.53
CA TYR A 201 3.46 14.47 2.21
C TYR A 201 3.04 15.57 1.25
N PHE A 202 1.80 16.01 1.36
CA PHE A 202 1.26 17.00 0.45
C PHE A 202 1.74 18.41 0.78
N THR A 203 1.89 18.71 2.07
N THR A 203 1.85 18.74 2.08
CA THR A 203 2.37 20.03 2.45
CA THR A 203 2.39 20.04 2.45
C THR A 203 3.85 20.20 2.11
C THR A 203 3.83 20.18 2.01
N GLU A 204 4.64 19.12 2.18
CA GLU A 204 6.03 19.16 1.74
C GLU A 204 6.10 19.22 0.23
N LEU A 205 5.27 18.45 -0.45
CA LEU A 205 5.28 18.49 -1.90
C LEU A 205 5.04 19.90 -2.41
N LEU A 206 4.14 20.66 -1.76
CA LEU A 206 3.81 22.02 -2.16
C LEU A 206 4.87 23.04 -1.79
N SER A 207 5.65 22.81 -0.74
CA SER A 207 6.55 23.83 -0.21
C SER A 207 7.87 23.90 -0.96
N GLY A 208 8.09 22.97 -1.87
CA GLY A 208 9.37 22.84 -2.54
C GLY A 208 10.24 21.84 -1.82
N GLU A 209 11.39 21.58 -2.45
CA GLU A 209 12.43 20.80 -1.81
C GLU A 209 12.86 21.47 -0.52
N LYS A 210 12.81 20.72 0.56
CA LYS A 210 13.50 21.04 1.79
C LYS A 210 14.66 20.10 1.91
N GLU A 211 15.72 20.56 2.56
CA GLU A 211 16.88 19.72 2.70
C GLU A 211 16.55 18.54 3.60
N GLY A 212 16.98 17.36 3.17
CA GLY A 212 16.80 16.16 3.94
C GLY A 212 15.57 15.38 3.56
N LEU A 213 14.65 15.98 2.82
CA LEU A 213 13.42 15.31 2.44
C LEU A 213 13.44 14.95 0.96
N LEU A 214 12.73 13.90 0.65
CA LEU A 214 12.70 13.27 -0.66
C LEU A 214 11.47 13.66 -1.46
N GLN A 215 11.67 13.90 -2.75
CA GLN A 215 10.59 13.97 -3.72
C GLN A 215 11.00 13.18 -4.94
N LEU A 216 10.19 12.18 -5.33
CA LEU A 216 10.42 11.44 -6.54
C LEU A 216 9.85 12.21 -7.71
N PRO A 217 10.38 12.03 -8.91
CA PRO A 217 9.68 12.59 -10.08
C PRO A 217 8.18 12.23 -10.13
N SER A 218 7.81 11.01 -9.75
CA SER A 218 6.40 10.60 -9.72
C SER A 218 5.58 11.33 -8.67
N ASP A 219 6.18 11.75 -7.55
CA ASP A 219 5.53 12.69 -6.66
C ASP A 219 5.34 14.05 -7.35
N LYS A 220 6.41 14.58 -7.98
CA LYS A 220 6.34 15.93 -8.53
C LYS A 220 5.34 16.03 -9.67
N ALA A 221 5.14 14.92 -10.37
CA ALA A 221 4.14 14.84 -11.43
C ALA A 221 2.75 15.24 -10.96
N LEU A 222 2.42 15.01 -9.69
CA LEU A 222 1.12 15.39 -9.14
C LEU A 222 0.91 16.90 -9.13
N LEU A 223 1.98 17.68 -9.07
CA LEU A 223 1.85 19.13 -8.95
C LEU A 223 1.57 19.81 -10.29
N SER A 224 1.94 19.18 -11.40
CA SER A 224 1.88 19.81 -12.71
C SER A 224 0.69 19.31 -13.52
N ASP A 225 -0.04 18.37 -13.01
CA ASP A 225 -1.15 17.82 -13.75
C ASP A 225 -2.44 18.55 -13.35
N PRO A 226 -3.30 18.91 -14.28
CA PRO A 226 -4.48 19.70 -13.90
C PRO A 226 -5.53 18.97 -13.06
N VAL A 227 -5.60 17.64 -13.10
CA VAL A 227 -6.51 16.88 -12.25
C VAL A 227 -5.88 16.56 -10.91
N PHE A 228 -4.62 16.11 -10.92
CA PHE A 228 -3.94 15.75 -9.67
C PHE A 228 -3.72 16.96 -8.80
N ARG A 229 -3.32 18.08 -9.39
CA ARG A 229 -2.87 19.21 -8.56
C ARG A 229 -3.95 19.72 -7.62
N PRO A 230 -5.21 19.99 -8.05
CA PRO A 230 -6.27 20.32 -7.09
C PRO A 230 -6.44 19.33 -5.93
N LEU A 231 -6.28 18.03 -6.18
CA LEU A 231 -6.33 17.05 -5.08
C LEU A 231 -5.20 17.28 -4.09
N VAL A 232 -3.98 17.47 -4.61
CA VAL A 232 -2.84 17.78 -3.73
C VAL A 232 -3.15 18.98 -2.86
N ASP A 233 -3.70 20.04 -3.46
CA ASP A 233 -4.10 21.24 -2.70
C ASP A 233 -5.19 20.90 -1.69
N LYS A 234 -6.14 20.03 -2.07
CA LYS A 234 -7.22 19.68 -1.14
C LYS A 234 -6.67 18.95 0.08
N TYR A 235 -5.85 17.93 -0.15
CA TYR A 235 -5.31 17.13 0.94
C TYR A 235 -4.37 17.92 1.83
N ALA A 236 -3.61 18.85 1.27
CA ALA A 236 -2.71 19.67 2.09
C ALA A 236 -3.48 20.65 2.97
N ALA A 237 -4.61 21.14 2.49
CA ALA A 237 -5.48 21.99 3.30
C ALA A 237 -6.42 21.22 4.23
N ASP A 238 -6.78 19.97 3.90
CA ASP A 238 -7.86 19.26 4.63
C ASP A 238 -7.43 17.82 4.88
N GLU A 239 -6.79 17.57 6.03
CA GLU A 239 -6.32 16.21 6.35
C GLU A 239 -7.49 15.25 6.49
N ASP A 240 -8.63 15.69 7.04
CA ASP A 240 -9.81 14.82 7.09
C ASP A 240 -10.20 14.33 5.70
N ALA A 241 -10.16 15.22 4.70
CA ALA A 241 -10.51 14.85 3.34
C ALA A 241 -9.48 13.91 2.73
N PHE A 242 -8.20 14.09 3.07
CA PHE A 242 -7.18 13.13 2.67
C PHE A 242 -7.46 11.75 3.28
N PHE A 243 -7.74 11.70 4.58
CA PHE A 243 -8.03 10.44 5.24
C PHE A 243 -9.22 9.73 4.62
N ALA A 244 -10.27 10.47 4.27
CA ALA A 244 -11.44 9.84 3.68
C ALA A 244 -11.10 9.21 2.33
N ASP A 245 -10.45 9.97 1.47
CA ASP A 245 -10.16 9.49 0.14
C ASP A 245 -9.11 8.39 0.19
N TYR A 246 -8.12 8.55 1.07
CA TYR A 246 -7.12 7.50 1.29
C TYR A 246 -7.82 6.20 1.68
N ALA A 247 -8.71 6.24 2.66
CA ALA A 247 -9.34 5.01 3.11
C ALA A 247 -10.12 4.36 1.99
N GLU A 248 -10.83 5.17 1.19
CA GLU A 248 -11.52 4.65 0.04
C GLU A 248 -10.55 3.96 -0.92
N ALA A 249 -9.42 4.61 -1.20
CA ALA A 249 -8.54 4.15 -2.26
C ALA A 249 -7.80 2.91 -1.81
N HIS A 250 -7.34 2.91 -0.56
CA HIS A 250 -6.65 1.75 0.00
C HIS A 250 -7.57 0.55 0.00
N GLN A 251 -8.80 0.72 0.48
CA GLN A 251 -9.72 -0.40 0.42
C GLN A 251 -9.87 -0.93 -1.00
N LYS A 252 -10.00 -0.05 -1.99
CA LYS A 252 -10.13 -0.53 -3.38
C LYS A 252 -8.90 -1.27 -3.85
N LEU A 253 -7.72 -0.74 -3.52
CA LEU A 253 -6.47 -1.32 -3.96
C LEU A 253 -6.32 -2.71 -3.36
N SER A 254 -6.63 -2.83 -2.07
CA SER A 254 -6.52 -4.08 -1.31
C SER A 254 -7.49 -5.15 -1.78
N GLU A 255 -8.49 -4.76 -2.55
CA GLU A 255 -9.53 -5.65 -3.02
C GLU A 255 -9.55 -5.78 -4.54
N LEU A 256 -8.52 -5.32 -5.22
CA LEU A 256 -8.45 -5.42 -6.67
C LEU A 256 -8.50 -6.90 -7.06
N GLY A 257 -9.37 -7.23 -8.00
CA GLY A 257 -9.48 -8.59 -8.47
C GLY A 257 -10.10 -9.53 -7.46
N PHE A 258 -10.60 -9.00 -6.34
CA PHE A 258 -11.14 -9.77 -5.24
C PHE A 258 -12.60 -9.42 -5.00
N ALA A 259 -13.45 -10.44 -4.98
CA ALA A 259 -14.85 -10.33 -4.57
C ALA A 259 -15.67 -9.45 -5.52
N ASP A 260 -15.35 -9.49 -6.82
CA ASP A 260 -16.06 -8.66 -7.78
C ASP A 260 -17.39 -9.28 -8.25
CHA HEM B . 8.60 3.75 -0.93
CHB HEM B . 7.89 4.53 -5.67
CHC HEM B . 3.14 4.65 -4.92
CHD HEM B . 3.80 3.35 -0.33
C1A HEM B . 8.80 3.91 -2.26
C2A HEM B . 10.09 3.95 -2.91
C3A HEM B . 9.88 4.17 -4.22
C4A HEM B . 8.47 4.29 -4.44
CMA HEM B . 10.98 4.27 -5.31
CAA HEM B . 11.42 3.73 -2.18
CBA HEM B . 11.67 2.24 -2.00
CGA HEM B . 12.96 2.11 -1.26
O1A HEM B . 12.95 1.67 -0.08
O2A HEM B . 14.00 2.47 -1.84
C1B HEM B . 6.55 4.76 -5.88
C2B HEM B . 5.93 5.28 -7.11
C3B HEM B . 4.64 5.33 -6.87
C4B HEM B . 4.36 4.83 -5.53
CMB HEM B . 6.63 5.74 -8.39
CAB HEM B . 3.59 5.84 -7.84
CBB HEM B . 2.64 6.62 -7.35
C1C HEM B . 2.91 4.14 -3.67
C2C HEM B . 1.63 3.72 -3.16
C3C HEM B . 1.80 3.36 -1.85
C4C HEM B . 3.19 3.58 -1.52
CMC HEM B . 0.41 3.73 -4.07
CAC HEM B . 0.80 2.83 -0.81
CBC HEM B . -0.46 3.24 -0.78
C1D HEM B . 5.14 3.46 -0.07
C2D HEM B . 5.78 3.47 1.23
C3D HEM B . 7.11 3.61 1.07
C4D HEM B . 7.35 3.64 -0.35
CMD HEM B . 5.02 3.39 2.55
CAD HEM B . 8.20 3.66 2.13
CBD HEM B . 8.66 2.21 2.36
CGD HEM B . 9.70 2.11 3.47
O1D HEM B . 10.36 1.03 3.55
O2D HEM B . 9.89 3.07 4.25
NA HEM B . 7.84 4.14 -3.22
NB HEM B . 5.57 4.49 -4.97
NC HEM B . 3.82 4.02 -2.66
ND HEM B . 6.15 3.58 -1.00
FE HEM B . 5.77 4.14 -2.95
HHB HEM B . 8.45 4.44 -6.46
HHC HEM B . 2.36 4.71 -5.50
HHD HEM B . 3.26 2.86 0.34
HMA HEM B . 11.62 4.98 -5.07
HMAA HEM B . 10.57 4.46 -6.18
HMAB HEM B . 11.48 3.42 -5.36
HAA HEM B . 11.42 4.16 -1.31
HAAA HEM B . 12.14 4.10 -2.73
HBA HEM B . 11.74 1.81 -2.87
HBAA HEM B . 10.98 1.84 -1.47
HMB HEM B . 7.36 6.34 -8.16
HMBA HEM B . 6.00 6.22 -8.95
HMBB HEM B . 6.97 4.96 -8.88
HAB HEM B . 3.60 5.55 -8.76
HBB HEM B . 1.95 6.97 -7.94
HBBA HEM B . 2.57 6.76 -6.39
HMC HEM B . -0.27 3.18 -3.66
HMCA HEM B . 0.66 3.36 -4.93
HMCB HEM B . 0.10 4.65 -4.15
HAC HEM B . 1.09 2.19 -0.17
HBC HEM B . -1.00 2.98 -0.02
HBCA HEM B . -0.78 3.93 -1.38
HMD HEM B . 5.60 3.01 3.25
HMDA HEM B . 4.22 2.84 2.42
HMDB HEM B . 4.76 4.31 2.78
HAD HEM B . 7.83 4.03 2.94
HADA HEM B . 8.96 4.20 1.83
HBD HEM B . 9.02 1.85 1.54
HBDA HEM B . 7.90 1.69 2.63
HHA HEM B . 9.36 3.43 -0.40
K K C . 4.27 11.97 7.94
S SO4 D . 1.98 -7.68 -19.04
O1 SO4 D . 2.64 -7.86 -20.33
O2 SO4 D . 1.12 -8.84 -18.78
O3 SO4 D . 1.17 -6.46 -19.06
O4 SO4 D . 2.99 -7.56 -18.00
S SO4 E . 5.03 9.88 -18.59
O1 SO4 E . 4.72 9.09 -19.79
O2 SO4 E . 6.33 9.43 -18.06
O3 SO4 E . 4.00 9.62 -17.60
O4 SO4 E . 5.09 11.31 -18.84
C1 ASC F . 10.70 -0.13 7.48
C2 ASC F . 11.85 -0.36 6.61
C3 ASC F . 12.91 -0.92 7.30
C4 ASC F . 12.49 -1.22 8.68
C5 ASC F . 13.23 -0.29 9.60
C6 ASC F . 12.78 -0.45 11.08
O1 ASC F . 9.70 0.49 7.26
O2 ASC F . 11.99 0.23 5.34
O3 ASC F . 13.97 -1.66 6.74
O4 ASC F . 11.02 -0.85 8.72
O5 ASC F . 13.05 1.07 9.20
O6 ASC F . 12.78 -1.80 11.42
D4 ASC F . 12.64 -2.27 8.92
D5 ASC F . 14.30 -0.51 9.52
D61 ASC F . 13.48 0.09 11.72
D62 ASC F . 11.80 -0.03 11.21
DO2 ASC F . 12.39 1.08 5.47
DO5 ASC F . 13.57 1.63 9.78
DO6 ASC F . 11.90 -2.13 11.51
#